data_9QEV
#
_entry.id   9QEV
#
_cell.length_a   57.024
_cell.length_b   82.847
_cell.length_c   98.508
_cell.angle_alpha   90.00
_cell.angle_beta   90.00
_cell.angle_gamma   90.00
#
_symmetry.space_group_name_H-M   'P 21 21 21'
#
loop_
_entity.id
_entity.type
_entity.pdbx_description
1 polymer 'Carbonic anhydrase, family 3'
2 non-polymer 'ZINC ION'
3 non-polymer 'SODIUM ION'
4 non-polymer 'FORMIC ACID'
5 water water
#
_entity_poly.entity_id   1
_entity_poly.type   'polypeptide(L)'
_entity_poly.pdbx_seq_one_letter_code
;MEHKYKNHLPKIHETTFVAEGVHIIGDVEIGEDSNIWFNAVLRGDVNSIKIGRGTNIQDNATLHASTGQSPTIIGDYVTV
GHNCIIHGCKIGDYSLIGMGSIILDNAEIGEYTIIGAGSLVTQNKKIPPRVLCMGSPAKVIRELTEEEIEYLKNSAKHYI
ELSKNYRHHHHHH
;
_entity_poly.pdbx_strand_id   A,B,C
#
loop_
_chem_comp.id
_chem_comp.type
_chem_comp.name
_chem_comp.formula
FMT non-polymer 'FORMIC ACID' 'C H2 O2'
NA non-polymer 'SODIUM ION' 'Na 1'
ZN non-polymer 'ZINC ION' 'Zn 2'
#
# COMPACT_ATOMS: atom_id res chain seq x y z
N MET A 1 9.29 -14.84 4.95
CA MET A 1 9.43 -15.99 4.06
CA MET A 1 9.46 -15.99 4.06
C MET A 1 10.46 -15.67 2.95
N GLU A 2 11.28 -16.65 2.61
CA GLU A 2 12.22 -16.58 1.50
C GLU A 2 11.76 -17.61 0.47
N HIS A 3 11.60 -17.18 -0.79
CA HIS A 3 11.12 -18.04 -1.85
C HIS A 3 12.14 -18.15 -2.97
N LYS A 4 12.30 -19.35 -3.50
CA LYS A 4 13.17 -19.57 -4.65
C LYS A 4 12.48 -19.13 -5.92
N TYR A 5 13.25 -18.58 -6.86
CA TYR A 5 12.76 -18.33 -8.20
C TYR A 5 13.82 -18.86 -9.17
N LYS A 6 13.43 -19.85 -9.97
CA LYS A 6 14.36 -20.55 -10.85
C LYS A 6 15.59 -20.97 -10.05
N ASN A 7 16.78 -20.53 -10.45
CA ASN A 7 17.99 -20.93 -9.74
C ASN A 7 18.44 -19.91 -8.69
N HIS A 8 17.55 -19.02 -8.25
CA HIS A 8 17.93 -17.93 -7.36
C HIS A 8 17.26 -18.10 -5.99
N LEU A 9 18.08 -18.15 -4.95
CA LEU A 9 17.63 -18.02 -3.58
C LEU A 9 18.11 -16.70 -3.01
N PRO A 10 17.31 -16.04 -2.18
CA PRO A 10 17.76 -14.77 -1.59
C PRO A 10 19.04 -14.95 -0.79
N LYS A 11 19.88 -13.93 -0.85
CA LYS A 11 21.13 -13.85 -0.11
C LYS A 11 20.92 -12.80 0.98
N ILE A 12 20.67 -13.26 2.20
CA ILE A 12 20.28 -12.41 3.31
C ILE A 12 21.35 -12.54 4.39
N HIS A 13 21.93 -11.41 4.81
CA HIS A 13 22.97 -11.46 5.83
C HIS A 13 22.39 -11.99 7.14
N GLU A 14 23.24 -12.68 7.91
CA GLU A 14 22.78 -13.26 9.17
C GLU A 14 22.29 -12.18 10.15
N THR A 15 22.78 -10.96 10.03
CA THR A 15 22.37 -9.87 10.92
C THR A 15 21.13 -9.11 10.42
N THR A 16 20.56 -9.50 9.28
CA THR A 16 19.39 -8.82 8.74
C THR A 16 18.15 -9.23 9.54
N PHE A 17 17.34 -8.26 9.92
CA PHE A 17 16.05 -8.53 10.56
C PHE A 17 14.97 -8.62 9.49
N VAL A 18 14.17 -9.68 9.54
CA VAL A 18 13.04 -9.86 8.64
C VAL A 18 11.80 -10.10 9.48
N ALA A 19 10.84 -9.19 9.41
CA ALA A 19 9.61 -9.24 10.18
C ALA A 19 8.66 -10.30 9.60
N GLU A 20 7.52 -10.47 10.25
CA GLU A 20 6.53 -11.44 9.82
C GLU A 20 5.77 -10.92 8.60
N GLY A 21 5.27 -11.86 7.80
CA GLY A 21 4.48 -11.51 6.64
C GLY A 21 5.27 -11.05 5.44
N VAL A 22 6.61 -11.04 5.55
CA VAL A 22 7.49 -10.58 4.48
C VAL A 22 7.66 -11.69 3.45
N HIS A 23 7.74 -11.32 2.17
CA HIS A 23 8.10 -12.27 1.12
C HIS A 23 9.30 -11.73 0.36
N ILE A 24 10.39 -12.48 0.40
CA ILE A 24 11.62 -12.14 -0.33
C ILE A 24 11.84 -13.25 -1.35
N ILE A 25 11.85 -12.90 -2.63
CA ILE A 25 11.78 -13.87 -3.72
C ILE A 25 12.99 -13.74 -4.63
N GLY A 26 13.72 -14.85 -4.82
CA GLY A 26 14.64 -14.95 -5.95
C GLY A 26 15.91 -14.15 -5.76
N ASP A 27 16.22 -13.33 -6.76
CA ASP A 27 17.52 -12.66 -6.87
C ASP A 27 17.49 -11.36 -6.07
N VAL A 28 17.54 -11.54 -4.75
CA VAL A 28 17.53 -10.45 -3.78
C VAL A 28 18.72 -10.63 -2.86
N GLU A 29 19.52 -9.59 -2.70
CA GLU A 29 20.65 -9.58 -1.78
C GLU A 29 20.43 -8.46 -0.79
N ILE A 30 20.59 -8.75 0.50
CA ILE A 30 20.33 -7.80 1.58
C ILE A 30 21.50 -7.84 2.54
N GLY A 31 22.10 -6.67 2.79
CA GLY A 31 23.32 -6.59 3.56
C GLY A 31 23.11 -6.51 5.06
N GLU A 32 24.24 -6.49 5.76
CA GLU A 32 24.27 -6.55 7.22
C GLU A 32 23.46 -5.42 7.85
N ASP A 33 22.78 -5.74 8.96
CA ASP A 33 22.00 -4.80 9.76
C ASP A 33 20.78 -4.24 9.06
N SER A 34 20.53 -4.59 7.81
CA SER A 34 19.32 -4.13 7.16
C SER A 34 18.11 -4.79 7.82
N ASN A 35 16.95 -4.17 7.64
CA ASN A 35 15.79 -4.60 8.40
C ASN A 35 14.54 -4.40 7.56
N ILE A 36 13.77 -5.47 7.40
CA ILE A 36 12.64 -5.55 6.49
C ILE A 36 11.39 -5.78 7.32
N TRP A 37 10.38 -4.92 7.14
CA TRP A 37 9.27 -4.79 8.06
C TRP A 37 8.00 -5.48 7.54
N PHE A 38 6.97 -5.49 8.39
CA PHE A 38 5.85 -6.40 8.25
C PHE A 38 5.16 -6.27 6.90
N ASN A 39 4.94 -7.41 6.25
CA ASN A 39 4.17 -7.52 5.02
C ASN A 39 4.86 -6.88 3.81
N ALA A 40 6.13 -6.52 3.91
CA ALA A 40 6.86 -6.05 2.74
C ALA A 40 7.09 -7.19 1.75
N VAL A 41 7.13 -6.85 0.46
CA VAL A 41 7.38 -7.82 -0.62
C VAL A 41 8.58 -7.33 -1.42
N LEU A 42 9.59 -8.18 -1.55
CA LEU A 42 10.82 -7.88 -2.29
C LEU A 42 10.93 -8.97 -3.34
N ARG A 43 10.54 -8.66 -4.57
CA ARG A 43 10.36 -9.67 -5.61
C ARG A 43 11.45 -9.52 -6.67
N GLY A 44 12.45 -10.40 -6.62
CA GLY A 44 13.56 -10.37 -7.55
C GLY A 44 13.49 -11.46 -8.58
N ASP A 45 12.46 -11.43 -9.42
CA ASP A 45 12.25 -12.49 -10.41
C ASP A 45 12.70 -12.07 -11.80
N VAL A 46 12.10 -11.00 -12.35
CA VAL A 46 12.45 -10.53 -13.68
C VAL A 46 13.77 -9.78 -13.70
N ASN A 47 14.27 -9.37 -12.55
CA ASN A 47 15.46 -8.53 -12.43
C ASN A 47 15.90 -8.63 -10.98
N SER A 48 17.08 -8.11 -10.69
CA SER A 48 17.65 -8.26 -9.37
C SER A 48 17.31 -7.08 -8.46
N ILE A 49 17.34 -7.37 -7.16
CA ILE A 49 17.23 -6.37 -6.10
C ILE A 49 18.46 -6.49 -5.22
N LYS A 50 19.14 -5.38 -4.96
CA LYS A 50 20.27 -5.36 -4.05
C LYS A 50 20.06 -4.25 -3.04
N ILE A 51 20.20 -4.58 -1.76
CA ILE A 51 20.06 -3.64 -0.66
C ILE A 51 21.33 -3.72 0.16
N GLY A 52 21.88 -2.55 0.52
CA GLY A 52 23.14 -2.48 1.23
C GLY A 52 23.03 -2.75 2.72
N ARG A 53 23.85 -2.06 3.48
CA ARG A 53 23.99 -2.27 4.91
C ARG A 53 23.16 -1.25 5.67
N GLY A 54 22.47 -1.71 6.72
CA GLY A 54 21.77 -0.82 7.62
C GLY A 54 20.57 -0.11 7.02
N THR A 55 19.97 -0.66 5.99
CA THR A 55 18.82 -0.05 5.31
C THR A 55 17.52 -0.66 5.81
N ASN A 56 16.50 0.18 5.96
CA ASN A 56 15.17 -0.29 6.35
C ASN A 56 14.22 -0.22 5.18
N ILE A 57 13.46 -1.30 5.00
CA ILE A 57 12.34 -1.36 4.06
C ILE A 57 11.09 -1.53 4.91
N GLN A 58 10.26 -0.49 4.98
CA GLN A 58 9.20 -0.47 5.97
C GLN A 58 7.96 -1.26 5.54
N ASP A 59 6.96 -1.25 6.42
CA ASP A 59 5.84 -2.20 6.33
C ASP A 59 5.03 -1.97 5.06
N ASN A 60 4.58 -3.06 4.46
CA ASN A 60 3.61 -3.01 3.37
C ASN A 60 4.20 -2.42 2.09
N ALA A 61 5.52 -2.27 2.02
CA ALA A 61 6.18 -1.78 0.83
C ALA A 61 6.35 -2.91 -0.18
N THR A 62 6.59 -2.53 -1.44
CA THR A 62 6.86 -3.46 -2.52
C THR A 62 8.07 -3.00 -3.29
N LEU A 63 9.04 -3.90 -3.46
CA LEU A 63 10.20 -3.70 -4.32
C LEU A 63 10.12 -4.69 -5.47
N HIS A 64 10.28 -4.17 -6.68
CA HIS A 64 10.26 -4.98 -7.90
C HIS A 64 11.12 -4.27 -8.94
N ALA A 65 11.11 -4.78 -10.16
CA ALA A 65 11.87 -4.20 -11.26
C ALA A 65 11.26 -4.73 -12.55
N SER A 66 11.88 -4.41 -13.69
CA SER A 66 11.31 -4.75 -14.99
C SER A 66 12.34 -5.51 -15.82
N THR A 67 11.84 -6.43 -16.64
CA THR A 67 12.71 -7.13 -17.59
C THR A 67 13.44 -6.12 -18.48
N GLY A 68 14.77 -6.26 -18.53
CA GLY A 68 15.58 -5.49 -19.46
C GLY A 68 15.78 -4.03 -19.09
N GLN A 69 15.29 -3.58 -17.96
CA GLN A 69 15.52 -2.23 -17.46
C GLN A 69 16.47 -2.29 -16.26
N SER A 70 16.60 -1.18 -15.54
CA SER A 70 17.61 -1.10 -14.49
C SER A 70 17.22 -2.02 -13.33
N PRO A 71 18.19 -2.68 -12.70
CA PRO A 71 17.90 -3.42 -11.46
C PRO A 71 17.58 -2.44 -10.34
N THR A 72 17.01 -2.97 -9.27
CA THR A 72 16.77 -2.17 -8.08
C THR A 72 18.04 -2.21 -7.23
N ILE A 73 18.61 -1.03 -6.98
CA ILE A 73 19.88 -0.92 -6.25
C ILE A 73 19.67 0.11 -5.16
N ILE A 74 19.72 -0.34 -3.91
CA ILE A 74 19.52 0.52 -2.75
C ILE A 74 20.79 0.48 -1.91
N GLY A 75 21.31 1.66 -1.58
CA GLY A 75 22.56 1.76 -0.86
C GLY A 75 22.46 1.47 0.62
N ASP A 76 23.38 2.08 1.37
CA ASP A 76 23.55 1.87 2.79
C ASP A 76 22.81 2.93 3.58
N TYR A 77 22.23 2.54 4.71
CA TYR A 77 21.59 3.47 5.64
C TYR A 77 20.46 4.26 4.96
N VAL A 78 19.75 3.59 4.06
CA VAL A 78 18.59 4.16 3.39
C VAL A 78 17.35 3.83 4.20
N THR A 79 16.39 4.76 4.20
CA THR A 79 15.08 4.58 4.82
C THR A 79 14.03 4.56 3.70
N VAL A 80 13.31 3.44 3.57
CA VAL A 80 12.21 3.33 2.63
C VAL A 80 10.93 3.26 3.44
N GLY A 81 10.08 4.27 3.31
CA GLY A 81 8.92 4.42 4.15
C GLY A 81 7.83 3.39 3.89
N HIS A 82 6.88 3.36 4.83
CA HIS A 82 5.76 2.42 4.74
C HIS A 82 5.05 2.54 3.41
N ASN A 83 4.68 1.39 2.85
CA ASN A 83 3.81 1.32 1.69
C ASN A 83 4.42 1.95 0.44
N CYS A 84 5.73 2.13 0.41
CA CYS A 84 6.39 2.62 -0.80
C CYS A 84 6.38 1.54 -1.87
N ILE A 85 6.47 1.99 -3.12
CA ILE A 85 6.69 1.14 -4.29
C ILE A 85 8.01 1.56 -4.90
N ILE A 86 8.98 0.67 -4.88
CA ILE A 86 10.35 0.95 -5.31
C ILE A 86 10.60 0.03 -6.50
N HIS A 87 10.71 0.61 -7.69
CA HIS A 87 10.61 -0.17 -8.92
C HIS A 87 11.76 0.13 -9.88
N GLY A 88 12.77 -0.72 -9.90
CA GLY A 88 13.82 -0.67 -10.92
C GLY A 88 14.68 0.58 -10.88
N CYS A 89 14.95 1.08 -9.69
CA CYS A 89 15.58 2.37 -9.46
C CYS A 89 16.82 2.23 -8.60
N LYS A 90 17.62 3.31 -8.58
CA LYS A 90 18.83 3.35 -7.76
C LYS A 90 18.65 4.42 -6.69
N ILE A 91 18.94 4.08 -5.43
CA ILE A 91 18.79 5.00 -4.31
C ILE A 91 20.13 5.08 -3.58
N GLY A 92 20.67 6.29 -3.48
CA GLY A 92 21.97 6.47 -2.87
C GLY A 92 21.93 6.41 -1.35
N ASP A 93 23.13 6.31 -0.78
CA ASP A 93 23.30 6.12 0.66
C ASP A 93 22.64 7.24 1.45
N TYR A 94 22.08 6.89 2.61
CA TYR A 94 21.53 7.81 3.59
C TYR A 94 20.26 8.51 3.15
N SER A 95 19.71 8.17 1.99
CA SER A 95 18.51 8.84 1.54
C SER A 95 17.28 8.27 2.22
N LEU A 96 16.20 9.04 2.14
CA LEU A 96 14.94 8.71 2.77
C LEU A 96 13.84 8.83 1.72
N ILE A 97 13.11 7.73 1.51
CA ILE A 97 11.96 7.72 0.61
C ILE A 97 10.71 7.83 1.47
N GLY A 98 10.05 8.98 1.39
CA GLY A 98 8.90 9.22 2.25
C GLY A 98 7.79 8.21 2.02
N MET A 99 7.10 7.89 3.10
CA MET A 99 6.06 6.87 3.07
C MET A 99 5.05 7.12 1.96
N GLY A 100 4.61 6.03 1.31
CA GLY A 100 3.64 6.11 0.25
C GLY A 100 4.16 6.63 -1.07
N SER A 101 5.47 6.74 -1.24
CA SER A 101 6.03 7.22 -2.49
C SER A 101 6.20 6.07 -3.49
N ILE A 102 6.33 6.45 -4.75
CA ILE A 102 6.49 5.53 -5.87
C ILE A 102 7.69 6.01 -6.64
N ILE A 103 8.68 5.14 -6.84
CA ILE A 103 9.88 5.45 -7.59
C ILE A 103 9.96 4.49 -8.77
N LEU A 104 9.94 5.02 -9.99
CA LEU A 104 9.79 4.21 -11.18
C LEU A 104 11.14 3.84 -11.82
N ASP A 105 11.05 3.06 -12.89
CA ASP A 105 12.22 2.40 -13.47
C ASP A 105 13.24 3.38 -14.00
N ASN A 106 14.50 3.07 -13.75
CA ASN A 106 15.66 3.80 -14.22
C ASN A 106 15.81 5.17 -13.56
N ALA A 107 14.98 5.49 -12.57
CA ALA A 107 15.23 6.71 -11.80
C ALA A 107 16.45 6.51 -10.91
N GLU A 108 17.11 7.61 -10.57
CA GLU A 108 18.21 7.58 -9.61
C GLU A 108 18.03 8.71 -8.60
N ILE A 109 18.13 8.36 -7.33
CA ILE A 109 18.05 9.29 -6.22
C ILE A 109 19.46 9.42 -5.66
N GLY A 110 20.01 10.62 -5.65
CA GLY A 110 21.33 10.84 -5.07
C GLY A 110 21.36 10.58 -3.57
N GLU A 111 22.58 10.54 -3.03
CA GLU A 111 22.76 10.28 -1.61
C GLU A 111 22.28 11.48 -0.78
N TYR A 112 21.94 11.21 0.48
CA TYR A 112 21.52 12.25 1.42
C TYR A 112 20.37 13.12 0.87
N THR A 113 19.39 12.48 0.24
CA THR A 113 18.22 13.17 -0.28
C THR A 113 16.95 12.68 0.38
N ILE A 114 16.01 13.59 0.59
CA ILE A 114 14.66 13.27 1.08
C ILE A 114 13.69 13.35 -0.08
N ILE A 115 12.97 12.26 -0.30
CA ILE A 115 11.76 12.26 -1.12
C ILE A 115 10.58 12.42 -0.17
N GLY A 116 9.78 13.47 -0.38
CA GLY A 116 8.63 13.69 0.47
C GLY A 116 7.62 12.57 0.39
N ALA A 117 6.87 12.38 1.48
CA ALA A 117 5.80 11.40 1.49
C ALA A 117 4.86 11.61 0.30
N GLY A 118 4.33 10.50 -0.21
CA GLY A 118 3.34 10.54 -1.26
C GLY A 118 3.83 11.01 -2.60
N SER A 119 5.12 10.97 -2.86
CA SER A 119 5.66 11.47 -4.11
C SER A 119 5.66 10.39 -5.19
N LEU A 120 5.69 10.85 -6.45
CA LEU A 120 5.87 9.99 -7.61
C LEU A 120 7.11 10.46 -8.37
N VAL A 121 8.17 9.68 -8.32
CA VAL A 121 9.38 9.93 -9.09
C VAL A 121 9.28 9.10 -10.36
N THR A 122 9.17 9.78 -11.50
CA THR A 122 8.80 9.06 -12.71
C THR A 122 10.02 8.43 -13.39
N GLN A 123 9.74 7.66 -14.45
CA GLN A 123 10.77 6.83 -15.07
C GLN A 123 11.93 7.68 -15.58
N ASN A 124 13.15 7.19 -15.37
CA ASN A 124 14.38 7.81 -15.86
C ASN A 124 14.75 9.11 -15.14
N LYS A 125 13.97 9.54 -14.14
CA LYS A 125 14.25 10.82 -13.49
C LYS A 125 15.51 10.74 -12.63
N LYS A 126 16.34 11.78 -12.73
CA LYS A 126 17.58 11.86 -11.98
C LYS A 126 17.46 12.96 -10.95
N ILE A 127 17.64 12.61 -9.68
CA ILE A 127 17.48 13.51 -8.55
C ILE A 127 18.83 13.66 -7.86
N PRO A 128 19.32 14.88 -7.64
CA PRO A 128 20.69 15.07 -7.14
C PRO A 128 20.78 14.74 -5.66
N PRO A 129 22.01 14.68 -5.12
CA PRO A 129 22.18 14.51 -3.68
C PRO A 129 21.78 15.77 -2.92
N ARG A 130 21.48 15.57 -1.63
CA ARG A 130 21.37 16.65 -0.65
C ARG A 130 20.23 17.62 -0.94
N VAL A 131 19.11 17.11 -1.48
CA VAL A 131 17.93 17.92 -1.75
C VAL A 131 16.68 17.30 -1.13
N LEU A 132 15.64 18.13 -1.06
CA LEU A 132 14.27 17.70 -0.87
C LEU A 132 13.59 17.68 -2.23
N CYS A 133 12.94 16.56 -2.56
CA CYS A 133 12.24 16.36 -3.83
C CYS A 133 10.89 15.77 -3.50
N MET A 134 9.82 16.33 -4.05
CA MET A 134 8.49 15.93 -3.60
C MET A 134 7.44 16.35 -4.63
N GLY A 135 6.29 15.68 -4.58
CA GLY A 135 5.17 15.96 -5.46
C GLY A 135 4.94 14.83 -6.44
N SER A 136 4.03 15.09 -7.38
CA SER A 136 3.61 14.08 -8.35
C SER A 136 3.24 14.77 -9.65
N PRO A 137 4.14 14.75 -10.67
CA PRO A 137 5.49 14.20 -10.64
C PRO A 137 6.39 15.01 -9.73
N ALA A 138 7.25 14.34 -8.99
CA ALA A 138 8.07 15.00 -8.00
C ALA A 138 9.06 15.94 -8.64
N LYS A 139 9.31 17.04 -7.95
CA LYS A 139 10.26 18.05 -8.38
C LYS A 139 11.23 18.35 -7.25
N VAL A 140 12.45 18.73 -7.60
CA VAL A 140 13.39 19.20 -6.60
C VAL A 140 12.90 20.54 -6.06
N ILE A 141 12.77 20.62 -4.74
CA ILE A 141 12.18 21.79 -4.07
C ILE A 141 13.26 22.75 -3.61
N ARG A 142 14.30 22.23 -2.96
CA ARG A 142 15.32 23.03 -2.28
C ARG A 142 16.42 22.09 -1.83
N GLU A 143 17.54 22.68 -1.41
CA GLU A 143 18.59 21.93 -0.74
C GLU A 143 18.19 21.60 0.69
N LEU A 144 18.70 20.48 1.18
CA LEU A 144 18.48 20.13 2.58
C LEU A 144 19.30 21.04 3.49
N THR A 145 18.78 21.28 4.69
CA THR A 145 19.53 22.00 5.71
C THR A 145 20.53 21.07 6.38
N GLU A 146 21.45 21.67 7.13
CA GLU A 146 22.40 20.88 7.91
C GLU A 146 21.68 19.99 8.91
N GLU A 147 20.59 20.48 9.50
CA GLU A 147 19.82 19.67 10.44
C GLU A 147 19.19 18.46 9.76
N GLU A 148 18.67 18.64 8.54
CA GLU A 148 18.09 17.53 7.79
C GLU A 148 19.16 16.52 7.39
N ILE A 149 20.35 17.00 7.03
CA ILE A 149 21.45 16.10 6.71
C ILE A 149 21.85 15.29 7.94
N GLU A 150 21.92 15.95 9.09
CA GLU A 150 22.19 15.24 10.35
C GLU A 150 21.10 14.22 10.66
N TYR A 151 19.83 14.58 10.40
CA TYR A 151 18.75 13.62 10.56
C TYR A 151 18.99 12.39 9.69
N LEU A 152 19.42 12.58 8.45
CA LEU A 152 19.67 11.45 7.56
C LEU A 152 20.92 10.69 7.98
N LYS A 153 21.86 11.36 8.66
CA LYS A 153 23.02 10.66 9.18
C LYS A 153 22.62 9.54 10.12
N ASN A 154 21.47 9.67 10.80
CA ASN A 154 21.15 8.76 11.89
C ASN A 154 19.77 8.09 11.81
N SER A 155 18.90 8.46 10.86
CA SER A 155 17.54 7.90 10.82
C SER A 155 17.59 6.38 10.64
N ALA A 156 18.38 5.92 9.67
CA ALA A 156 18.48 4.47 9.47
C ALA A 156 19.13 3.79 10.65
N LYS A 157 20.11 4.45 11.29
CA LYS A 157 20.73 3.80 12.44
C LYS A 157 19.76 3.61 13.60
N HIS A 158 18.80 4.51 13.77
CA HIS A 158 17.77 4.30 14.78
C HIS A 158 16.87 3.11 14.43
N TYR A 159 16.58 2.90 13.14
CA TYR A 159 15.85 1.71 12.73
C TYR A 159 16.66 0.44 12.97
N ILE A 160 17.98 0.49 12.80
CA ILE A 160 18.80 -0.66 13.13
C ILE A 160 18.63 -1.02 14.60
N GLU A 161 18.73 -0.01 15.48
CA GLU A 161 18.57 -0.27 16.92
C GLU A 161 17.20 -0.85 17.22
N LEU A 162 16.15 -0.29 16.62
CA LEU A 162 14.81 -0.82 16.79
C LEU A 162 14.76 -2.29 16.39
N SER A 163 15.34 -2.63 15.24
CA SER A 163 15.27 -4.00 14.76
C SER A 163 16.03 -4.96 15.68
N LYS A 164 17.10 -4.50 16.34
CA LYS A 164 17.79 -5.38 17.27
C LYS A 164 16.90 -5.74 18.45
N ASN A 165 16.03 -4.82 18.86
CA ASN A 165 15.09 -5.14 19.94
C ASN A 165 14.16 -6.29 19.53
N TYR A 166 13.80 -6.37 18.26
CA TYR A 166 13.00 -7.49 17.78
C TYR A 166 13.83 -8.77 17.64
N ARG A 167 15.07 -8.66 17.17
CA ARG A 167 15.90 -9.85 17.00
C ARG A 167 16.19 -10.52 18.34
N HIS A 168 16.11 -9.78 19.43
CA HIS A 168 16.30 -10.31 20.77
C HIS A 168 14.99 -10.67 21.44
N HIS A 169 13.91 -10.81 20.66
CA HIS A 169 12.58 -11.11 21.22
C HIS A 169 12.62 -12.31 22.16
N HIS A 170 13.32 -13.38 21.76
CA HIS A 170 13.42 -14.58 22.58
C HIS A 170 14.34 -14.41 23.79
N HIS A 171 14.92 -13.23 23.98
CA HIS A 171 15.72 -12.88 25.15
C HIS A 171 14.95 -11.99 26.12
N HIS A 172 13.66 -11.76 25.86
CA HIS A 172 12.82 -10.91 26.68
C HIS A 172 11.65 -11.71 27.22
N HIS A 173 11.28 -11.44 28.47
CA HIS A 173 10.16 -12.12 29.11
C HIS A 173 8.87 -11.91 28.31
N MET B 1 -4.87 -17.81 -0.07
CA MET B 1 -5.83 -18.44 0.81
C MET B 1 -7.21 -17.96 0.39
N GLU B 2 -8.18 -18.88 0.37
CA GLU B 2 -9.55 -18.57 0.03
C GLU B 2 -10.42 -18.66 1.28
N HIS B 3 -11.32 -17.70 1.44
CA HIS B 3 -12.20 -17.64 2.60
C HIS B 3 -13.64 -17.57 2.13
N LYS B 4 -14.51 -18.28 2.83
CA LYS B 4 -15.94 -18.19 2.58
C LYS B 4 -16.48 -16.94 3.24
N TYR B 5 -17.43 -16.28 2.58
CA TYR B 5 -18.21 -15.22 3.20
C TYR B 5 -19.68 -15.52 2.98
N LYS B 6 -20.41 -15.72 4.08
CA LYS B 6 -21.79 -16.20 4.01
C LYS B 6 -21.85 -17.41 3.09
N ASN B 7 -22.67 -17.34 2.04
CA ASN B 7 -22.86 -18.46 1.13
C ASN B 7 -21.86 -18.48 -0.02
N HIS B 8 -20.87 -17.59 -0.05
CA HIS B 8 -20.00 -17.41 -1.19
C HIS B 8 -18.62 -18.01 -0.92
N LEU B 9 -18.21 -18.93 -1.78
CA LEU B 9 -16.84 -19.40 -1.84
C LEU B 9 -16.21 -18.94 -3.15
N PRO B 10 -14.96 -18.51 -3.14
CA PRO B 10 -14.33 -18.06 -4.37
C PRO B 10 -14.32 -19.16 -5.43
N LYS B 11 -14.47 -18.74 -6.69
CA LYS B 11 -14.44 -19.63 -7.85
C LYS B 11 -13.15 -19.31 -8.61
N ILE B 12 -12.13 -20.13 -8.38
CA ILE B 12 -10.78 -19.91 -8.91
C ILE B 12 -10.50 -21.02 -9.91
N HIS B 13 -10.09 -20.64 -11.12
CA HIS B 13 -9.77 -21.62 -12.15
C HIS B 13 -8.60 -22.49 -11.71
N GLU B 14 -8.60 -23.75 -12.16
N GLU B 14 -8.59 -23.73 -12.22
CA GLU B 14 -7.52 -24.66 -11.79
CA GLU B 14 -7.57 -24.70 -11.87
C GLU B 14 -6.16 -24.10 -12.17
C GLU B 14 -6.17 -24.28 -12.32
N THR B 15 -6.08 -23.34 -13.26
CA THR B 15 -4.79 -22.82 -13.74
C THR B 15 -4.42 -21.47 -13.15
N THR B 16 -5.23 -20.91 -12.26
CA THR B 16 -4.92 -19.61 -11.67
C THR B 16 -3.74 -19.76 -10.71
N PHE B 17 -2.76 -18.87 -10.83
CA PHE B 17 -1.63 -18.81 -9.91
C PHE B 17 -2.00 -17.88 -8.76
N VAL B 18 -1.76 -18.34 -7.53
CA VAL B 18 -1.99 -17.52 -6.34
C VAL B 18 -0.76 -17.61 -5.46
N ALA B 19 -0.09 -16.47 -5.26
CA ALA B 19 1.11 -16.40 -4.44
C ALA B 19 0.77 -16.46 -2.95
N GLU B 20 1.80 -16.48 -2.13
CA GLU B 20 1.62 -16.53 -0.69
C GLU B 20 1.19 -15.18 -0.14
N GLY B 21 0.53 -15.22 1.02
CA GLY B 21 0.04 -14.02 1.68
C GLY B 21 -1.24 -13.45 1.10
N VAL B 22 -1.79 -14.08 0.07
CA VAL B 22 -3.00 -13.59 -0.59
C VAL B 22 -4.22 -14.01 0.22
N HIS B 23 -5.21 -13.13 0.28
CA HIS B 23 -6.51 -13.46 0.85
C HIS B 23 -7.59 -13.12 -0.15
N ILE B 24 -8.35 -14.14 -0.55
CA ILE B 24 -9.45 -14.01 -1.50
C ILE B 24 -10.70 -14.43 -0.74
N ILE B 25 -11.67 -13.53 -0.65
CA ILE B 25 -12.82 -13.70 0.24
C ILE B 25 -14.12 -13.64 -0.54
N GLY B 26 -14.94 -14.67 -0.43
CA GLY B 26 -16.34 -14.54 -0.79
C GLY B 26 -16.60 -14.66 -2.27
N ASP B 27 -17.35 -13.68 -2.79
CA ASP B 27 -17.88 -13.71 -4.15
C ASP B 27 -16.82 -13.16 -5.10
N VAL B 28 -15.80 -13.97 -5.36
CA VAL B 28 -14.69 -13.63 -6.24
C VAL B 28 -14.53 -14.76 -7.25
N GLU B 29 -14.53 -14.41 -8.52
CA GLU B 29 -14.30 -15.35 -9.62
C GLU B 29 -13.04 -14.94 -10.34
N ILE B 30 -12.14 -15.88 -10.60
CA ILE B 30 -10.87 -15.60 -11.26
C ILE B 30 -10.65 -16.65 -12.34
N GLY B 31 -10.33 -16.20 -13.56
CA GLY B 31 -10.28 -17.09 -14.70
C GLY B 31 -8.91 -17.67 -15.00
N GLU B 32 -8.89 -18.43 -16.10
CA GLU B 32 -7.75 -19.25 -16.49
C GLU B 32 -6.50 -18.41 -16.67
N ASP B 33 -5.38 -18.90 -16.13
CA ASP B 33 -4.05 -18.30 -16.23
C ASP B 33 -3.92 -16.95 -15.55
N SER B 34 -4.96 -16.44 -14.91
CA SER B 34 -4.77 -15.23 -14.12
C SER B 34 -3.81 -15.51 -12.96
N ASN B 35 -3.19 -14.45 -12.45
CA ASN B 35 -2.11 -14.67 -11.51
C ASN B 35 -2.14 -13.55 -10.48
N ILE B 36 -2.21 -13.95 -9.21
CA ILE B 36 -2.44 -13.05 -8.08
C ILE B 36 -1.20 -13.09 -7.20
N TRP B 37 -0.62 -11.93 -6.91
CA TRP B 37 0.72 -11.84 -6.36
C TRP B 37 0.73 -11.55 -4.86
N PHE B 38 1.93 -11.55 -4.30
CA PHE B 38 2.12 -11.66 -2.85
C PHE B 38 1.38 -10.58 -2.08
N ASN B 39 0.65 -11.01 -1.04
CA ASN B 39 -0.01 -10.11 -0.10
C ASN B 39 -1.17 -9.31 -0.71
N ALA B 40 -1.65 -9.69 -1.89
CA ALA B 40 -2.85 -9.06 -2.44
C ALA B 40 -4.09 -9.52 -1.68
N VAL B 41 -5.07 -8.62 -1.61
CA VAL B 41 -6.34 -8.89 -0.93
C VAL B 41 -7.46 -8.64 -1.94
N LEU B 42 -8.31 -9.65 -2.14
CA LEU B 42 -9.46 -9.57 -3.05
C LEU B 42 -10.69 -9.89 -2.21
N ARG B 43 -11.45 -8.87 -1.82
CA ARG B 43 -12.48 -9.00 -0.81
C ARG B 43 -13.84 -8.80 -1.48
N GLY B 44 -14.54 -9.91 -1.75
CA GLY B 44 -15.85 -9.88 -2.36
C GLY B 44 -16.98 -10.17 -1.37
N ASP B 45 -17.08 -9.35 -0.35
CA ASP B 45 -18.10 -9.51 0.68
C ASP B 45 -19.36 -8.68 0.42
N VAL B 46 -19.19 -7.38 0.19
CA VAL B 46 -20.35 -6.51 -0.03
CA VAL B 46 -20.32 -6.49 -0.02
C VAL B 46 -20.86 -6.58 -1.46
N ASN B 47 -20.04 -7.02 -2.40
CA ASN B 47 -20.41 -7.11 -3.81
C ASN B 47 -19.40 -8.05 -4.45
N SER B 48 -19.61 -8.34 -5.72
CA SER B 48 -18.80 -9.34 -6.40
C SER B 48 -17.56 -8.76 -7.06
N ILE B 49 -16.55 -9.60 -7.17
CA ILE B 49 -15.35 -9.33 -7.95
C ILE B 49 -15.25 -10.41 -9.01
N LYS B 50 -15.08 -10.01 -10.26
CA LYS B 50 -14.87 -10.95 -11.35
C LYS B 50 -13.62 -10.54 -12.11
N ILE B 51 -12.73 -11.49 -12.33
CA ILE B 51 -11.49 -11.30 -13.07
C ILE B 51 -11.47 -12.35 -14.18
N GLY B 52 -11.13 -11.92 -15.39
CA GLY B 52 -11.14 -12.82 -16.53
C GLY B 52 -9.90 -13.69 -16.66
N ARG B 53 -9.48 -13.91 -17.90
CA ARG B 53 -8.41 -14.83 -18.22
C ARG B 53 -7.11 -14.06 -18.42
N GLY B 54 -6.02 -14.60 -17.85
CA GLY B 54 -4.70 -14.06 -18.12
C GLY B 54 -4.41 -12.72 -17.48
N THR B 55 -5.14 -12.36 -16.43
CA THR B 55 -4.97 -11.07 -15.77
C THR B 55 -4.09 -11.20 -14.53
N ASN B 56 -3.24 -10.21 -14.30
CA ASN B 56 -2.41 -10.17 -13.12
C ASN B 56 -2.90 -9.11 -12.15
N ILE B 57 -2.94 -9.49 -10.88
CA ILE B 57 -3.19 -8.58 -9.78
C ILE B 57 -1.91 -8.60 -8.95
N GLN B 58 -1.18 -7.49 -8.92
CA GLN B 58 0.17 -7.52 -8.38
C GLN B 58 0.20 -7.35 -6.85
N ASP B 59 1.42 -7.33 -6.33
CA ASP B 59 1.66 -7.52 -4.89
C ASP B 59 1.07 -6.37 -4.11
N ASN B 60 0.51 -6.69 -2.94
CA ASN B 60 0.07 -5.68 -1.97
C ASN B 60 -1.09 -4.84 -2.47
N ALA B 61 -1.75 -5.26 -3.55
CA ALA B 61 -2.94 -4.60 -4.07
C ALA B 61 -4.17 -4.97 -3.23
N THR B 62 -5.20 -4.12 -3.32
CA THR B 62 -6.48 -4.39 -2.68
C THR B 62 -7.59 -4.20 -3.71
N LEU B 63 -8.43 -5.22 -3.84
CA LEU B 63 -9.65 -5.15 -4.64
C LEU B 63 -10.85 -5.29 -3.70
N HIS B 64 -11.79 -4.35 -3.81
CA HIS B 64 -13.00 -4.32 -3.00
C HIS B 64 -14.09 -3.62 -3.80
N ALA B 65 -15.26 -3.45 -3.19
CA ALA B 65 -16.42 -2.84 -3.86
C ALA B 65 -17.35 -2.26 -2.79
N SER B 66 -18.52 -1.78 -3.20
CA SER B 66 -19.43 -1.09 -2.28
C SER B 66 -20.86 -1.58 -2.41
N THR B 67 -21.61 -1.40 -1.31
CA THR B 67 -23.01 -1.80 -1.26
C THR B 67 -23.80 -1.08 -2.34
N GLY B 68 -24.58 -1.83 -3.10
CA GLY B 68 -25.47 -1.26 -4.09
C GLY B 68 -24.81 -0.49 -5.20
N GLN B 69 -23.49 -0.42 -5.23
CA GLN B 69 -22.77 0.24 -6.31
C GLN B 69 -22.30 -0.81 -7.30
N SER B 70 -21.46 -0.41 -8.25
CA SER B 70 -21.02 -1.33 -9.28
C SER B 70 -20.16 -2.44 -8.68
N PRO B 71 -20.30 -3.66 -9.17
CA PRO B 71 -19.33 -4.71 -8.82
C PRO B 71 -17.98 -4.37 -9.43
N THR B 72 -16.96 -5.12 -9.03
CA THR B 72 -15.64 -5.01 -9.65
C THR B 72 -15.58 -6.01 -10.79
N ILE B 73 -15.36 -5.51 -12.01
CA ILE B 73 -15.35 -6.32 -13.22
C ILE B 73 -14.05 -6.04 -13.94
N ILE B 74 -13.19 -7.04 -14.05
CA ILE B 74 -11.89 -6.88 -14.69
C ILE B 74 -11.80 -7.90 -15.81
N GLY B 75 -11.44 -7.44 -17.00
CA GLY B 75 -11.43 -8.28 -18.18
C GLY B 75 -10.24 -9.22 -18.30
N ASP B 76 -9.93 -9.57 -19.55
CA ASP B 76 -8.87 -10.50 -19.88
C ASP B 76 -7.57 -9.75 -20.15
N TYR B 77 -6.46 -10.37 -19.77
CA TYR B 77 -5.12 -9.85 -20.07
C TYR B 77 -4.92 -8.44 -19.53
N VAL B 78 -5.50 -8.16 -18.38
CA VAL B 78 -5.32 -6.90 -17.68
C VAL B 78 -4.13 -6.99 -16.74
N THR B 79 -3.41 -5.87 -16.58
CA THR B 79 -2.30 -5.74 -15.64
C THR B 79 -2.72 -4.74 -14.56
N VAL B 80 -2.77 -5.18 -13.31
CA VAL B 80 -3.05 -4.31 -12.16
C VAL B 80 -1.77 -4.22 -11.36
N GLY B 81 -1.17 -3.03 -11.32
CA GLY B 81 0.14 -2.85 -10.73
C GLY B 81 0.18 -2.98 -9.22
N HIS B 82 1.42 -3.05 -8.72
CA HIS B 82 1.67 -3.21 -7.29
C HIS B 82 0.91 -2.17 -6.49
N ASN B 83 0.32 -2.59 -5.37
CA ASN B 83 -0.23 -1.69 -4.36
C ASN B 83 -1.38 -0.84 -4.90
N CYS B 84 -2.01 -1.25 -6.00
CA CYS B 84 -3.18 -0.54 -6.47
C CYS B 84 -4.36 -0.78 -5.54
N ILE B 85 -5.31 0.16 -5.58
CA ILE B 85 -6.59 0.01 -4.92
C ILE B 85 -7.65 0.06 -5.99
N ILE B 86 -8.36 -1.05 -6.17
CA ILE B 86 -9.33 -1.22 -7.23
C ILE B 86 -10.69 -1.40 -6.56
N HIS B 87 -11.59 -0.44 -6.79
CA HIS B 87 -12.81 -0.33 -6.02
C HIS B 87 -14.04 -0.19 -6.90
N GLY B 88 -14.78 -1.28 -7.05
CA GLY B 88 -16.12 -1.25 -7.65
C GLY B 88 -16.16 -0.68 -9.05
N CYS B 89 -15.16 -1.00 -9.87
CA CYS B 89 -15.01 -0.40 -11.19
C CYS B 89 -14.96 -1.49 -12.25
N LYS B 90 -14.99 -1.06 -13.51
CA LYS B 90 -14.88 -1.94 -14.65
C LYS B 90 -13.61 -1.62 -15.42
N ILE B 91 -12.82 -2.64 -15.73
CA ILE B 91 -11.57 -2.47 -16.45
C ILE B 91 -11.59 -3.35 -17.67
N GLY B 92 -11.45 -2.75 -18.85
CA GLY B 92 -11.54 -3.47 -20.10
C GLY B 92 -10.29 -4.30 -20.40
N ASP B 93 -10.45 -5.20 -21.37
CA ASP B 93 -9.40 -6.14 -21.73
C ASP B 93 -8.11 -5.40 -22.11
N TYR B 94 -6.98 -6.00 -21.74
CA TYR B 94 -5.66 -5.59 -22.19
C TYR B 94 -5.19 -4.27 -21.57
N SER B 95 -5.94 -3.71 -20.64
CA SER B 95 -5.54 -2.45 -20.04
C SER B 95 -4.54 -2.67 -18.92
N LEU B 96 -3.86 -1.59 -18.56
CA LEU B 96 -2.80 -1.61 -17.56
C LEU B 96 -3.08 -0.51 -16.55
N ILE B 97 -3.18 -0.89 -15.28
CA ILE B 97 -3.36 0.06 -14.19
C ILE B 97 -2.01 0.27 -13.53
N GLY B 98 -1.45 1.46 -13.70
CA GLY B 98 -0.11 1.71 -13.19
C GLY B 98 -0.04 1.56 -11.69
N MET B 99 1.09 1.06 -11.22
CA MET B 99 1.30 0.81 -9.81
C MET B 99 0.96 2.00 -8.94
N GLY B 100 0.35 1.70 -7.80
CA GLY B 100 -0.05 2.69 -6.82
C GLY B 100 -1.24 3.53 -7.21
N SER B 101 -1.98 3.14 -8.23
CA SER B 101 -3.17 3.91 -8.62
C SER B 101 -4.37 3.48 -7.80
N ILE B 102 -5.38 4.35 -7.81
CA ILE B 102 -6.63 4.19 -7.09
C ILE B 102 -7.75 4.38 -8.09
N ILE B 103 -8.63 3.39 -8.23
CA ILE B 103 -9.77 3.44 -9.15
C ILE B 103 -11.04 3.31 -8.32
N LEU B 104 -11.86 4.36 -8.33
CA LEU B 104 -13.01 4.44 -7.43
C LEU B 104 -14.29 3.85 -8.04
N ASP B 105 -15.33 3.81 -7.20
CA ASP B 105 -16.56 3.09 -7.54
C ASP B 105 -17.18 3.67 -8.80
N ASN B 106 -17.67 2.77 -9.67
CA ASN B 106 -18.43 3.09 -10.87
C ASN B 106 -17.58 3.70 -11.97
N ALA B 107 -16.27 3.78 -11.78
CA ALA B 107 -15.40 4.17 -12.87
C ALA B 107 -15.33 3.07 -13.90
N GLU B 108 -15.04 3.45 -15.14
CA GLU B 108 -14.81 2.46 -16.18
C GLU B 108 -13.57 2.84 -16.97
N ILE B 109 -12.68 1.87 -17.17
CA ILE B 109 -11.47 2.03 -17.97
C ILE B 109 -11.69 1.24 -19.25
N GLY B 110 -11.65 1.91 -20.40
CA GLY B 110 -11.78 1.22 -21.67
C GLY B 110 -10.64 0.23 -21.89
N GLU B 111 -10.85 -0.66 -22.87
CA GLU B 111 -9.84 -1.64 -23.24
C GLU B 111 -8.63 -0.97 -23.88
N TYR B 112 -7.48 -1.64 -23.77
CA TYR B 112 -6.24 -1.18 -24.39
C TYR B 112 -5.85 0.23 -23.93
N THR B 113 -6.02 0.50 -22.64
CA THR B 113 -5.69 1.78 -22.06
C THR B 113 -4.64 1.63 -20.96
N ILE B 114 -3.73 2.59 -20.88
CA ILE B 114 -2.73 2.69 -19.82
C ILE B 114 -3.16 3.78 -18.85
N ILE B 115 -3.27 3.41 -17.57
CA ILE B 115 -3.37 4.37 -16.48
C ILE B 115 -1.97 4.53 -15.92
N GLY B 116 -1.47 5.77 -15.88
CA GLY B 116 -0.13 5.98 -15.37
C GLY B 116 -0.03 5.70 -13.89
N ALA B 117 1.19 5.42 -13.43
CA ALA B 117 1.41 5.13 -12.01
C ALA B 117 0.91 6.26 -11.14
N GLY B 118 0.42 5.90 -9.95
CA GLY B 118 0.05 6.90 -8.97
C GLY B 118 -1.15 7.73 -9.31
N SER B 119 -2.04 7.23 -10.16
CA SER B 119 -3.18 8.00 -10.62
C SER B 119 -4.38 7.77 -9.70
N LEU B 120 -5.31 8.71 -9.73
CA LEU B 120 -6.59 8.61 -9.04
C LEU B 120 -7.68 8.78 -10.09
N VAL B 121 -8.39 7.69 -10.39
CA VAL B 121 -9.53 7.72 -11.30
C VAL B 121 -10.78 7.82 -10.43
N THR B 122 -11.47 8.95 -10.56
CA THR B 122 -12.51 9.33 -9.61
C THR B 122 -13.81 8.57 -9.87
N GLN B 123 -14.73 8.69 -8.93
CA GLN B 123 -15.98 7.96 -9.00
C GLN B 123 -16.74 8.32 -10.26
N ASN B 124 -17.31 7.31 -10.91
CA ASN B 124 -18.13 7.47 -12.12
C ASN B 124 -17.35 7.94 -13.34
N LYS B 125 -16.03 8.00 -13.27
CA LYS B 125 -15.24 8.50 -14.39
C LYS B 125 -15.11 7.43 -15.47
N LYS B 126 -15.39 7.81 -16.72
CA LYS B 126 -15.27 6.92 -17.88
C LYS B 126 -14.06 7.31 -18.71
N ILE B 127 -13.08 6.41 -18.77
CA ILE B 127 -11.85 6.63 -19.53
C ILE B 127 -11.96 5.84 -20.84
N PRO B 128 -11.75 6.47 -22.00
CA PRO B 128 -11.95 5.77 -23.27
C PRO B 128 -10.90 4.70 -23.50
N PRO B 129 -11.14 3.81 -24.46
CA PRO B 129 -10.12 2.83 -24.85
C PRO B 129 -8.98 3.47 -25.61
N ARG B 130 -7.83 2.78 -25.62
CA ARG B 130 -6.71 3.08 -26.51
C ARG B 130 -6.03 4.42 -26.19
N VAL B 131 -6.09 4.84 -24.92
CA VAL B 131 -5.47 6.10 -24.51
C VAL B 131 -4.53 5.88 -23.33
N LEU B 132 -3.72 6.92 -23.09
CA LEU B 132 -2.94 7.10 -21.87
C LEU B 132 -3.67 8.11 -21.00
N CYS B 133 -3.91 7.74 -19.76
CA CYS B 133 -4.60 8.58 -18.78
C CYS B 133 -3.80 8.55 -17.49
N MET B 134 -3.55 9.72 -16.91
CA MET B 134 -2.68 9.77 -15.75
C MET B 134 -2.95 11.02 -14.93
N GLY B 135 -2.62 10.94 -13.65
CA GLY B 135 -2.67 12.06 -12.75
C GLY B 135 -3.61 11.84 -11.58
N SER B 136 -3.64 12.82 -10.69
CA SER B 136 -4.56 12.84 -9.55
C SER B 136 -5.14 14.24 -9.43
N PRO B 137 -6.35 14.48 -9.95
CA PRO B 137 -7.23 13.51 -10.63
C PRO B 137 -6.71 13.14 -12.02
N ALA B 138 -6.99 11.90 -12.45
CA ALA B 138 -6.46 11.42 -13.70
C ALA B 138 -7.16 12.06 -14.88
N LYS B 139 -6.38 12.42 -15.91
CA LYS B 139 -6.88 13.05 -17.13
C LYS B 139 -6.35 12.28 -18.33
N VAL B 140 -7.12 12.27 -19.42
CA VAL B 140 -6.63 11.68 -20.66
C VAL B 140 -5.51 12.56 -21.21
N ILE B 141 -4.37 11.94 -21.51
CA ILE B 141 -3.19 12.67 -21.99
C ILE B 141 -3.14 12.67 -23.52
N ARG B 142 -3.29 11.51 -24.13
CA ARG B 142 -3.12 11.31 -25.57
C ARG B 142 -3.56 9.89 -25.90
N GLU B 143 -3.67 9.60 -27.19
CA GLU B 143 -3.91 8.24 -27.61
C GLU B 143 -2.62 7.42 -27.52
N LEU B 144 -2.76 6.12 -27.32
CA LEU B 144 -1.59 5.24 -27.34
C LEU B 144 -1.09 5.05 -28.77
N THR B 145 0.23 4.86 -28.89
CA THR B 145 0.84 4.45 -30.15
C THR B 145 0.66 2.95 -30.35
N GLU B 146 0.89 2.48 -31.58
CA GLU B 146 0.80 1.05 -31.83
C GLU B 146 1.86 0.28 -31.04
N GLU B 147 3.03 0.89 -30.82
CA GLU B 147 4.04 0.25 -29.99
C GLU B 147 3.54 0.06 -28.57
N GLU B 148 2.80 1.05 -28.04
CA GLU B 148 2.20 0.89 -26.72
C GLU B 148 1.07 -0.13 -26.73
N ILE B 149 0.28 -0.17 -27.82
CA ILE B 149 -0.74 -1.21 -27.97
C ILE B 149 -0.09 -2.58 -27.98
N GLU B 150 1.01 -2.72 -28.75
CA GLU B 150 1.70 -4.01 -28.80
C GLU B 150 2.26 -4.37 -27.43
N TYR B 151 2.74 -3.38 -26.69
CA TYR B 151 3.15 -3.61 -25.31
C TYR B 151 1.99 -4.19 -24.51
N LEU B 152 0.80 -3.59 -24.62
CA LEU B 152 -0.37 -4.11 -23.91
C LEU B 152 -0.82 -5.46 -24.45
N LYS B 153 -0.57 -5.74 -25.73
CA LYS B 153 -0.92 -7.06 -26.27
C LYS B 153 -0.14 -8.17 -25.56
N ASN B 154 0.97 -7.84 -24.90
CA ASN B 154 1.86 -8.86 -24.35
C ASN B 154 2.22 -8.70 -22.88
N SER B 155 1.95 -7.53 -22.27
CA SER B 155 2.35 -7.31 -20.87
C SER B 155 1.75 -8.36 -19.95
N ALA B 156 0.44 -8.59 -20.07
CA ALA B 156 -0.19 -9.61 -19.24
C ALA B 156 0.32 -11.00 -19.62
N LYS B 157 0.55 -11.25 -20.90
CA LYS B 157 1.01 -12.58 -21.29
C LYS B 157 2.39 -12.89 -20.74
N HIS B 158 3.26 -11.89 -20.62
CA HIS B 158 4.56 -12.09 -20.00
C HIS B 158 4.42 -12.37 -18.51
N TYR B 159 3.43 -11.73 -17.86
CA TYR B 159 3.11 -12.08 -16.48
C TYR B 159 2.63 -13.51 -16.34
N ILE B 160 1.87 -14.02 -17.32
CA ILE B 160 1.50 -15.42 -17.27
C ILE B 160 2.75 -16.29 -17.29
N GLU B 161 3.66 -16.02 -18.22
CA GLU B 161 4.91 -16.79 -18.30
C GLU B 161 5.65 -16.72 -16.98
N LEU B 162 5.74 -15.52 -16.39
CA LEU B 162 6.42 -15.34 -15.12
C LEU B 162 5.80 -16.24 -14.05
N SER B 163 4.47 -16.21 -13.96
CA SER B 163 3.80 -17.02 -12.93
C SER B 163 4.08 -18.51 -13.13
N LYS B 164 4.11 -18.97 -14.38
CA LYS B 164 4.38 -20.37 -14.63
C LYS B 164 5.81 -20.75 -14.25
N ASN B 165 6.74 -19.79 -14.31
CA ASN B 165 8.12 -20.05 -13.92
C ASN B 165 8.26 -20.35 -12.42
N TYR B 166 7.27 -19.97 -11.61
CA TYR B 166 7.26 -20.35 -10.20
C TYR B 166 6.96 -21.83 -10.01
N ARG B 167 6.44 -22.50 -11.04
CA ARG B 167 6.26 -23.95 -11.05
C ARG B 167 5.37 -24.42 -9.90
N HIS B 168 4.29 -23.68 -9.65
CA HIS B 168 3.31 -24.08 -8.66
C HIS B 168 2.55 -25.32 -9.14
N MET C 1 -2.63 -11.39 14.17
CA MET C 1 -1.61 -11.67 15.18
C MET C 1 -1.32 -10.48 16.06
N GLU C 2 -1.16 -10.75 17.35
CA GLU C 2 -0.84 -9.74 18.36
C GLU C 2 0.55 -10.05 18.90
N HIS C 3 1.55 -9.34 18.41
CA HIS C 3 2.93 -9.59 18.78
C HIS C 3 3.32 -8.72 19.95
N LYS C 4 4.05 -9.32 20.90
CA LYS C 4 4.62 -8.57 22.02
C LYS C 4 5.88 -7.86 21.56
N TYR C 5 6.05 -6.62 22.04
CA TYR C 5 7.27 -5.84 21.82
C TYR C 5 7.74 -5.34 23.18
N LYS C 6 8.95 -5.73 23.57
CA LYS C 6 9.44 -5.47 24.93
C LYS C 6 8.37 -5.89 25.93
N ASN C 7 7.95 -5.03 26.85
CA ASN C 7 6.91 -5.39 27.82
C ASN C 7 5.50 -5.08 27.35
N HIS C 8 5.31 -4.70 26.09
CA HIS C 8 4.00 -4.27 25.60
C HIS C 8 3.32 -5.39 24.82
N LEU C 9 2.16 -5.83 25.33
CA LEU C 9 1.21 -6.73 24.65
C LEU C 9 0.06 -5.89 24.15
N PRO C 10 -0.39 -6.08 22.92
CA PRO C 10 -1.60 -5.38 22.47
C PRO C 10 -2.78 -5.67 23.39
N LYS C 11 -3.58 -4.65 23.63
CA LYS C 11 -4.80 -4.73 24.43
C LYS C 11 -5.96 -4.61 23.46
N ILE C 12 -6.57 -5.76 23.13
CA ILE C 12 -7.58 -5.86 22.10
C ILE C 12 -8.87 -6.32 22.76
N HIS C 13 -9.95 -5.59 22.53
CA HIS C 13 -11.23 -5.97 23.13
C HIS C 13 -11.67 -7.34 22.62
N GLU C 14 -12.40 -8.06 23.47
CA GLU C 14 -12.86 -9.39 23.08
C GLU C 14 -13.74 -9.36 21.84
N THR C 15 -14.43 -8.24 21.60
CA THR C 15 -15.31 -8.09 20.45
C THR C 15 -14.61 -7.51 19.22
N THR C 16 -13.31 -7.20 19.30
CA THR C 16 -12.62 -6.64 18.14
C THR C 16 -12.39 -7.72 17.11
N PHE C 17 -12.77 -7.47 15.86
CA PHE C 17 -12.52 -8.38 14.75
C PHE C 17 -11.13 -8.09 14.20
N VAL C 18 -10.32 -9.14 14.04
CA VAL C 18 -9.00 -9.03 13.45
C VAL C 18 -8.87 -10.08 12.37
N ALA C 19 -8.70 -9.65 11.13
CA ALA C 19 -8.63 -10.53 9.99
C ALA C 19 -7.26 -11.22 9.90
N GLU C 20 -7.17 -12.19 9.00
CA GLU C 20 -5.91 -12.86 8.74
C GLU C 20 -4.91 -11.89 8.09
N GLY C 21 -3.62 -12.19 8.30
CA GLY C 21 -2.55 -11.40 7.74
C GLY C 21 -2.26 -10.12 8.47
N VAL C 22 -3.03 -9.80 9.51
CA VAL C 22 -2.85 -8.59 10.29
C VAL C 22 -1.71 -8.78 11.30
N HIS C 23 -0.88 -7.75 11.45
CA HIS C 23 0.15 -7.72 12.47
C HIS C 23 -0.07 -6.51 13.37
N ILE C 24 -0.38 -6.77 14.63
CA ILE C 24 -0.54 -5.73 15.64
C ILE C 24 0.58 -5.95 16.63
N ILE C 25 1.42 -4.92 16.84
CA ILE C 25 2.67 -5.07 17.58
C ILE C 25 2.71 -4.08 18.74
N GLY C 26 2.93 -4.61 19.94
CA GLY C 26 3.34 -3.75 21.04
C GLY C 26 2.24 -2.95 21.67
N ASP C 27 2.48 -1.64 21.78
CA ASP C 27 1.66 -0.73 22.56
C ASP C 27 0.50 -0.25 21.68
N VAL C 28 -0.46 -1.16 21.48
CA VAL C 28 -1.64 -0.91 20.67
C VAL C 28 -2.86 -1.29 21.50
N GLU C 29 -3.83 -0.39 21.58
CA GLU C 29 -5.08 -0.63 22.26
C GLU C 29 -6.21 -0.45 21.24
N ILE C 30 -7.14 -1.40 21.19
CA ILE C 30 -8.24 -1.35 20.23
C ILE C 30 -9.54 -1.69 20.95
N GLY C 31 -10.55 -0.84 20.77
CA GLY C 31 -11.76 -0.94 21.56
C GLY C 31 -12.84 -1.81 20.94
N GLU C 32 -13.97 -1.85 21.66
CA GLU C 32 -15.08 -2.73 21.34
C GLU C 32 -15.59 -2.51 19.93
N ASP C 33 -15.89 -3.61 19.24
CA ASP C 33 -16.50 -3.64 17.91
C ASP C 33 -15.62 -3.08 16.80
N SER C 34 -14.42 -2.61 17.12
CA SER C 34 -13.51 -2.22 16.06
C SER C 34 -13.13 -3.44 15.23
N ASN C 35 -12.66 -3.18 14.01
CA ASN C 35 -12.50 -4.25 13.04
C ASN C 35 -11.33 -3.92 12.13
N ILE C 36 -10.36 -4.83 12.11
CA ILE C 36 -9.05 -4.64 11.47
C ILE C 36 -8.94 -5.64 10.34
N TRP C 37 -8.72 -5.15 9.12
CA TRP C 37 -8.89 -5.96 7.93
C TRP C 37 -7.57 -6.49 7.37
N PHE C 38 -7.70 -7.37 6.37
CA PHE C 38 -6.62 -8.24 5.92
C PHE C 38 -5.33 -7.48 5.61
N ASN C 39 -4.22 -7.96 6.16
CA ASN C 39 -2.87 -7.50 5.86
C ASN C 39 -2.57 -6.11 6.43
N ALA C 40 -3.45 -5.55 7.25
CA ALA C 40 -3.11 -4.29 7.90
C ALA C 40 -2.00 -4.50 8.93
N VAL C 41 -1.19 -3.47 9.14
CA VAL C 41 -0.09 -3.49 10.09
C VAL C 41 -0.28 -2.32 11.04
N LEU C 42 -0.33 -2.61 12.34
CA LEU C 42 -0.50 -1.61 13.39
C LEU C 42 0.70 -1.77 14.32
N ARG C 43 1.72 -0.91 14.16
CA ARG C 43 3.01 -1.12 14.80
C ARG C 43 3.21 -0.09 15.90
N GLY C 44 3.02 -0.51 17.15
CA GLY C 44 3.18 0.33 18.31
C GLY C 44 4.46 0.09 19.06
N ASP C 45 5.61 0.26 18.38
CA ASP C 45 6.90 -0.02 19.01
C ASP C 45 7.57 1.26 19.54
N VAL C 46 7.80 2.26 18.68
CA VAL C 46 8.45 3.49 19.11
C VAL C 46 7.52 4.47 19.80
N ASN C 47 6.22 4.20 19.77
CA ASN C 47 5.19 5.10 20.28
C ASN C 47 3.90 4.29 20.28
N SER C 48 2.86 4.84 20.89
CA SER C 48 1.63 4.07 21.07
C SER C 48 0.60 4.35 19.97
N ILE C 49 -0.30 3.38 19.82
CA ILE C 49 -1.48 3.47 18.96
C ILE C 49 -2.69 3.16 19.82
N LYS C 50 -3.72 4.01 19.74
CA LYS C 50 -4.97 3.77 20.44
C LYS C 50 -6.11 3.98 19.45
N ILE C 51 -7.02 3.01 19.40
CA ILE C 51 -8.19 3.03 18.53
C ILE C 51 -9.40 2.83 19.43
N GLY C 52 -10.42 3.66 19.26
CA GLY C 52 -11.62 3.54 20.06
C GLY C 52 -12.57 2.42 19.66
N ARG C 53 -13.86 2.69 19.77
CA ARG C 53 -14.90 1.70 19.56
C ARG C 53 -15.51 1.83 18.17
N GLY C 54 -15.80 0.67 17.54
CA GLY C 54 -16.52 0.66 16.29
C GLY C 54 -15.77 1.20 15.10
N THR C 55 -14.44 1.25 15.16
CA THR C 55 -13.62 1.82 14.10
C THR C 55 -13.08 0.72 13.19
N ASN C 56 -13.06 0.99 11.90
CA ASN C 56 -12.49 0.06 10.93
C ASN C 56 -11.14 0.57 10.43
N ILE C 57 -10.16 -0.32 10.38
CA ILE C 57 -8.89 -0.10 9.72
C ILE C 57 -8.85 -1.09 8.56
N GLN C 58 -8.91 -0.59 7.34
CA GLN C 58 -9.14 -1.46 6.19
C GLN C 58 -7.85 -2.12 5.69
N ASP C 59 -8.01 -2.92 4.64
CA ASP C 59 -6.99 -3.89 4.24
C ASP C 59 -5.72 -3.17 3.80
N ASN C 60 -4.57 -3.75 4.12
CA ASN C 60 -3.28 -3.30 3.62
C ASN C 60 -2.88 -1.92 4.12
N ALA C 61 -3.57 -1.40 5.13
CA ALA C 61 -3.19 -0.13 5.73
C ALA C 61 -2.03 -0.32 6.69
N THR C 62 -1.35 0.79 7.01
CA THR C 62 -0.28 0.80 7.99
C THR C 62 -0.52 1.93 8.97
N LEU C 63 -0.49 1.61 10.27
CA LEU C 63 -0.51 2.58 11.35
C LEU C 63 0.82 2.51 12.07
N HIS C 64 1.45 3.66 12.26
CA HIS C 64 2.72 3.75 12.97
C HIS C 64 2.81 5.13 13.60
N ALA C 65 3.95 5.45 14.19
CA ALA C 65 4.17 6.73 14.85
C ALA C 65 5.68 6.92 14.94
N SER C 66 6.11 8.00 15.58
CA SER C 66 7.52 8.33 15.62
C SER C 66 7.97 8.55 17.05
N THR C 67 9.22 8.20 17.32
CA THR C 67 9.84 8.49 18.61
C THR C 67 9.76 9.99 18.87
N GLY C 68 9.26 10.37 20.04
CA GLY C 68 9.27 11.76 20.46
C GLY C 68 8.20 12.63 19.84
N GLN C 69 7.34 12.09 18.98
CA GLN C 69 6.27 12.86 18.38
C GLN C 69 4.92 12.39 18.94
N SER C 70 3.84 12.85 18.33
CA SER C 70 2.51 12.50 18.84
C SER C 70 2.23 11.02 18.65
N PRO C 71 1.56 10.38 19.61
CA PRO C 71 1.06 9.02 19.41
C PRO C 71 -0.07 9.04 18.38
N THR C 72 -0.40 7.86 17.89
CA THR C 72 -1.54 7.71 17.00
C THR C 72 -2.79 7.49 17.86
N ILE C 73 -3.77 8.38 17.71
CA ILE C 73 -4.99 8.36 18.51
C ILE C 73 -6.16 8.43 17.55
N ILE C 74 -6.96 7.36 17.48
CA ILE C 74 -8.09 7.28 16.57
C ILE C 74 -9.33 7.07 17.42
N GLY C 75 -10.36 7.87 17.15
CA GLY C 75 -11.57 7.84 17.94
C GLY C 75 -12.52 6.72 17.58
N ASP C 76 -13.80 6.98 17.81
CA ASP C 76 -14.87 6.01 17.69
C ASP C 76 -15.55 6.15 16.34
N TYR C 77 -15.95 5.02 15.77
CA TYR C 77 -16.73 4.98 14.53
C TYR C 77 -16.01 5.68 13.38
N VAL C 78 -14.68 5.57 13.37
CA VAL C 78 -13.83 6.09 12.31
C VAL C 78 -13.69 5.03 11.22
N THR C 79 -13.62 5.49 9.97
CA THR C 79 -13.37 4.63 8.82
C THR C 79 -11.99 5.00 8.25
N VAL C 80 -11.05 4.06 8.26
CA VAL C 80 -9.75 4.23 7.62
C VAL C 80 -9.69 3.33 6.40
N GLY C 81 -9.60 3.94 5.23
CA GLY C 81 -9.71 3.20 3.99
C GLY C 81 -8.51 2.32 3.65
N HIS C 82 -8.71 1.48 2.64
CA HIS C 82 -7.70 0.51 2.24
C HIS C 82 -6.38 1.21 1.95
N ASN C 83 -5.29 0.60 2.38
CA ASN C 83 -3.94 1.00 1.99
C ASN C 83 -3.59 2.40 2.48
N CYS C 84 -4.31 2.91 3.48
CA CYS C 84 -3.94 4.19 4.07
C CYS C 84 -2.67 4.05 4.90
N ILE C 85 -1.99 5.17 5.07
CA ILE C 85 -0.85 5.27 5.98
C ILE C 85 -1.20 6.33 7.02
N ILE C 86 -1.31 5.91 8.27
CA ILE C 86 -1.76 6.73 9.37
C ILE C 86 -0.60 6.82 10.35
N HIS C 87 0.00 8.00 10.48
CA HIS C 87 1.30 8.14 11.13
C HIS C 87 1.30 9.24 12.18
N GLY C 88 1.27 8.85 13.45
CA GLY C 88 1.45 9.76 14.58
C GLY C 88 0.46 10.89 14.65
N CYS C 89 -0.79 10.63 14.32
CA CYS C 89 -1.82 11.64 14.16
C CYS C 89 -3.04 11.31 15.02
N LYS C 90 -3.93 12.31 15.14
CA LYS C 90 -5.17 12.17 15.88
C LYS C 90 -6.33 12.28 14.90
N ILE C 91 -7.27 11.34 14.99
CA ILE C 91 -8.45 11.32 14.12
C ILE C 91 -9.70 11.30 14.98
N GLY C 92 -10.57 12.30 14.79
CA GLY C 92 -11.77 12.42 15.59
C GLY C 92 -12.86 11.44 15.20
N ASP C 93 -13.84 11.31 16.09
CA ASP C 93 -14.92 10.35 15.91
C ASP C 93 -15.65 10.60 14.58
N TYR C 94 -16.13 9.51 13.99
CA TYR C 94 -16.99 9.51 12.81
C TYR C 94 -16.30 10.01 11.55
N SER C 95 -14.99 10.23 11.57
CA SER C 95 -14.32 10.72 10.38
C SER C 95 -14.00 9.57 9.44
N LEU C 96 -13.78 9.92 8.18
CA LEU C 96 -13.50 8.96 7.13
C LEU C 96 -12.22 9.37 6.43
N ILE C 97 -11.23 8.49 6.44
CA ILE C 97 -9.98 8.69 5.73
C ILE C 97 -10.07 7.91 4.43
N GLY C 98 -10.17 8.63 3.31
CA GLY C 98 -10.33 7.97 2.03
C GLY C 98 -9.15 7.08 1.69
N MET C 99 -9.46 6.01 0.98
CA MET C 99 -8.48 4.98 0.68
C MET C 99 -7.23 5.57 0.02
N GLY C 100 -6.08 5.02 0.40
CA GLY C 100 -4.81 5.43 -0.13
C GLY C 100 -4.29 6.75 0.39
N SER C 101 -4.95 7.35 1.37
CA SER C 101 -4.48 8.61 1.91
C SER C 101 -3.37 8.41 2.94
N ILE C 102 -2.63 9.49 3.19
CA ILE C 102 -1.49 9.51 4.08
C ILE C 102 -1.69 10.67 5.05
N ILE C 103 -1.62 10.39 6.34
CA ILE C 103 -1.75 11.40 7.39
C ILE C 103 -0.47 11.38 8.21
N LEU C 104 0.27 12.50 8.22
CA LEU C 104 1.59 12.54 8.83
C LEU C 104 1.57 12.99 10.28
N ASP C 105 2.74 12.97 10.89
CA ASP C 105 2.88 13.13 12.33
C ASP C 105 2.36 14.47 12.82
N ASN C 106 1.68 14.42 13.97
CA ASN C 106 1.16 15.56 14.69
C ASN C 106 -0.01 16.23 13.98
N ALA C 107 -0.48 15.68 12.87
CA ALA C 107 -1.69 16.19 12.28
C ALA C 107 -2.88 15.80 13.13
N GLU C 108 -3.96 16.56 13.00
CA GLU C 108 -5.22 16.25 13.64
C GLU C 108 -6.35 16.39 12.63
N ILE C 109 -7.21 15.37 12.56
CA ILE C 109 -8.42 15.41 11.75
C ILE C 109 -9.59 15.58 12.71
N GLY C 110 -10.34 16.66 12.56
CA GLY C 110 -11.51 16.87 13.39
C GLY C 110 -12.55 15.80 13.16
N GLU C 111 -13.51 15.73 14.09
CA GLU C 111 -14.58 14.74 13.99
C GLU C 111 -15.52 15.06 12.83
N TYR C 112 -16.18 14.02 12.33
CA TYR C 112 -17.13 14.13 11.23
C TYR C 112 -16.53 14.82 10.00
N THR C 113 -15.29 14.48 9.68
CA THR C 113 -14.60 15.01 8.51
C THR C 113 -14.28 13.91 7.49
N ILE C 114 -14.37 14.25 6.21
CA ILE C 114 -14.00 13.36 5.13
C ILE C 114 -12.68 13.83 4.55
N ILE C 115 -11.70 12.93 4.51
CA ILE C 115 -10.49 13.12 3.73
C ILE C 115 -10.68 12.37 2.42
N GLY C 116 -10.55 13.07 1.29
CA GLY C 116 -10.71 12.40 0.00
C GLY C 116 -9.67 11.33 -0.24
N ALA C 117 -10.04 10.34 -1.06
CA ALA C 117 -9.10 9.29 -1.43
C ALA C 117 -7.82 9.87 -2.02
N GLY C 118 -6.70 9.22 -1.73
CA GLY C 118 -5.44 9.58 -2.33
C GLY C 118 -4.91 10.93 -1.89
N SER C 119 -5.26 11.38 -0.69
CA SER C 119 -4.83 12.67 -0.18
C SER C 119 -3.63 12.53 0.73
N LEU C 120 -2.96 13.66 0.97
CA LEU C 120 -1.82 13.74 1.86
C LEU C 120 -2.04 14.90 2.82
N VAL C 121 -2.19 14.60 4.11
CA VAL C 121 -2.29 15.60 5.16
C VAL C 121 -0.93 15.71 5.82
N THR C 122 -0.31 16.87 5.70
CA THR C 122 1.09 17.00 6.09
C THR C 122 1.24 17.20 7.60
N GLN C 123 2.51 17.21 8.04
CA GLN C 123 2.80 17.21 9.47
C GLN C 123 2.22 18.45 10.14
N ASN C 124 1.67 18.26 11.34
CA ASN C 124 1.16 19.32 12.20
C ASN C 124 -0.09 20.01 11.66
N LYS C 125 -0.68 19.52 10.57
CA LYS C 125 -1.84 20.17 9.99
CA LYS C 125 -1.84 20.18 10.00
C LYS C 125 -3.08 19.84 10.81
N LYS C 126 -3.85 20.86 11.16
CA LYS C 126 -5.07 20.72 11.96
C LYS C 126 -6.27 20.95 11.05
N ILE C 127 -6.99 19.86 10.74
CA ILE C 127 -8.15 19.91 9.86
C ILE C 127 -9.39 20.04 10.73
N PRO C 128 -10.26 21.02 10.48
CA PRO C 128 -11.41 21.23 11.37
C PRO C 128 -12.41 20.10 11.25
N PRO C 129 -13.35 20.02 12.19
CA PRO C 129 -14.45 19.05 12.04
C PRO C 129 -15.41 19.47 10.94
N ARG C 130 -16.14 18.47 10.44
CA ARG C 130 -17.30 18.68 9.57
C ARG C 130 -16.95 19.34 8.24
N VAL C 131 -15.79 18.99 7.69
CA VAL C 131 -15.36 19.49 6.39
C VAL C 131 -14.99 18.33 5.47
N LEU C 132 -14.91 18.66 4.18
CA LEU C 132 -14.22 17.86 3.18
C LEU C 132 -12.83 18.45 3.00
N CYS C 133 -11.82 17.60 3.06
CA CYS C 133 -10.43 18.00 2.87
C CYS C 133 -9.79 17.01 1.91
N MET C 134 -9.15 17.50 0.85
CA MET C 134 -8.63 16.59 -0.16
C MET C 134 -7.48 17.23 -0.91
N GLY C 135 -6.66 16.39 -1.53
CA GLY C 135 -5.53 16.82 -2.35
C GLY C 135 -4.21 16.40 -1.75
N SER C 136 -3.14 16.82 -2.41
CA SER C 136 -1.79 16.47 -2.00
C SER C 136 -0.86 17.64 -2.34
N PRO C 137 -0.55 18.51 -1.36
CA PRO C 137 -1.04 18.50 0.04
C PRO C 137 -2.52 18.83 0.12
N ALA C 138 -3.24 18.15 1.00
CA ALA C 138 -4.68 18.33 1.11
C ALA C 138 -5.02 19.73 1.57
N LYS C 139 -6.13 20.24 1.06
CA LYS C 139 -6.71 21.51 1.48
C LYS C 139 -8.16 21.29 1.90
N VAL C 140 -8.61 22.11 2.84
CA VAL C 140 -10.02 22.14 3.17
C VAL C 140 -10.79 22.75 2.00
N ILE C 141 -11.80 22.03 1.54
CA ILE C 141 -12.59 22.43 0.37
C ILE C 141 -13.85 23.17 0.76
N ARG C 142 -14.62 22.61 1.70
CA ARG C 142 -15.95 23.09 2.00
C ARG C 142 -16.43 22.38 3.26
N GLU C 143 -17.53 22.87 3.81
CA GLU C 143 -18.22 22.17 4.89
C GLU C 143 -19.04 21.02 4.32
N LEU C 144 -19.18 19.97 5.13
CA LEU C 144 -20.02 18.84 4.73
C LEU C 144 -21.49 19.19 4.81
N THR C 145 -22.29 18.53 3.98
CA THR C 145 -23.74 18.67 3.99
C THR C 145 -24.35 17.70 5.00
N GLU C 146 -25.64 17.89 5.27
CA GLU C 146 -26.34 16.99 6.18
C GLU C 146 -26.37 15.56 5.64
N GLU C 147 -26.49 15.42 4.31
CA GLU C 147 -26.43 14.10 3.68
C GLU C 147 -25.11 13.40 4.02
N GLU C 148 -24.00 14.12 3.92
CA GLU C 148 -22.69 13.54 4.18
C GLU C 148 -22.50 13.25 5.66
N ILE C 149 -23.05 14.09 6.53
CA ILE C 149 -23.02 13.78 7.96
C ILE C 149 -23.74 12.47 8.24
N GLU C 150 -24.92 12.27 7.64
CA GLU C 150 -25.64 11.02 7.80
C GLU C 150 -24.83 9.84 7.29
N TYR C 151 -24.13 10.01 6.17
CA TYR C 151 -23.28 8.95 5.65
C TYR C 151 -22.19 8.58 6.64
N LEU C 152 -21.57 9.58 7.27
CA LEU C 152 -20.57 9.31 8.29
C LEU C 152 -21.18 8.66 9.53
N LYS C 153 -22.43 8.98 9.86
CA LYS C 153 -23.08 8.36 11.00
C LYS C 153 -23.29 6.87 10.80
N ASN C 154 -23.31 6.39 9.55
CA ASN C 154 -23.58 4.98 9.26
C ASN C 154 -22.41 4.22 8.65
N SER C 155 -21.36 4.89 8.16
CA SER C 155 -20.28 4.19 7.46
C SER C 155 -19.62 3.16 8.37
N ALA C 156 -19.19 3.57 9.56
CA ALA C 156 -18.54 2.62 10.44
C ALA C 156 -19.51 1.57 10.96
N LYS C 157 -20.77 1.94 11.15
CA LYS C 157 -21.76 0.95 11.59
C LYS C 157 -21.91 -0.17 10.57
N HIS C 158 -21.88 0.16 9.27
CA HIS C 158 -21.96 -0.88 8.27
CA HIS C 158 -21.93 -0.86 8.24
C HIS C 158 -20.74 -1.80 8.30
N TYR C 159 -19.55 -1.26 8.62
CA TYR C 159 -18.38 -2.10 8.75
C TYR C 159 -18.44 -2.99 9.99
N ILE C 160 -19.03 -2.49 11.08
CA ILE C 160 -19.24 -3.35 12.25
C ILE C 160 -20.09 -4.54 11.87
N GLU C 161 -21.22 -4.29 11.19
CA GLU C 161 -22.13 -5.36 10.82
C GLU C 161 -21.44 -6.32 9.86
N LEU C 162 -20.67 -5.80 8.91
CA LEU C 162 -19.92 -6.64 7.99
C LEU C 162 -18.96 -7.55 8.74
N SER C 163 -18.23 -6.99 9.70
CA SER C 163 -17.23 -7.77 10.43
C SER C 163 -17.89 -8.88 11.24
N LYS C 164 -19.07 -8.61 11.80
CA LYS C 164 -19.77 -9.65 12.55
C LYS C 164 -20.23 -10.80 11.67
N ASN C 165 -20.47 -10.53 10.38
CA ASN C 165 -20.86 -11.60 9.47
C ASN C 165 -19.71 -12.55 9.17
N TYR C 166 -18.48 -12.17 9.48
CA TYR C 166 -17.33 -13.07 9.35
C TYR C 166 -17.32 -14.09 10.47
ZN ZN D . 6.67 -4.58 -11.30
NA NA E . 17.82 0.97 9.02
NA NA F . 1.36 -11.70 5.39
NA NA G . 11.24 -19.04 4.25
NA NA H . -0.10 0.40 -0.32
NA NA I . 12.31 -4.26 28.38
NA NA J . 9.00 18.75 5.40
C FMT K . 9.96 7.23 8.75
O1 FMT K . 10.63 6.28 9.13
O2 FMT K . 9.70 7.47 7.57
ZN ZN L . -13.92 -0.70 0.24
NA NA M . 2.34 -1.19 -13.30
NA NA N . 3.98 -18.23 -3.63
NA NA O . -15.22 4.73 -3.81
ZN ZN P . 6.95 5.11 10.66
NA NA Q . -16.37 0.15 11.73
NA NA R . -7.33 14.50 -3.99
NA NA S . 0.03 20.09 -5.25
C FMT T . 6.68 21.64 6.16
O1 FMT T . 6.22 20.80 6.93
O2 FMT T . 6.08 22.06 5.17
#